data_3KU0
#
_entry.id   3KU0
#
_cell.length_a   48.373
_cell.length_b   44.395
_cell.length_c   137.270
_cell.angle_alpha   90.000
_cell.angle_beta   98.380
_cell.angle_gamma   90.000
#
_symmetry.space_group_name_H-M   'P 1 21 1'
#
loop_
_entity.id
_entity.type
_entity.pdbx_description
1 polymer 'Ribosome-inactivating protein gelonin'
2 non-polymer ADENINE
3 non-polymer 2-acetamido-2-deoxy-beta-D-glucopyranose
4 water water
#
_entity_poly.entity_id   1
_entity_poly.type   'polypeptide(L)'
_entity_poly.pdbx_seq_one_letter_code
;GLDTVSFSTKGATYITYVNFLNELRVKLKPEGNSHGIPLLRKKCDDPGKCFVLVALSNDNGQLAEIAIDVTSVYVVGYQV
RNRSYFFKDAPDAAYEGLFKNTIKTRLHFGGSYPSLEGEKAYRETTDLGIEPLRIGIKKLDENAIDNYKPTEIASSLLVV
IQMVSEAARFTFIENQIRNNFQQRIRPANNTISLENKWGKLSFQIRTSGANGMFSEAVELERANGKKYYVTAVDQVKPKI
ALLKFVDKDPK
;
_entity_poly.pdbx_strand_id   A,B
#
loop_
_chem_comp.id
_chem_comp.type
_chem_comp.name
_chem_comp.formula
ADE non-polymer ADENINE 'C5 H5 N5'
NAG D-saccharide, beta linking 2-acetamido-2-deoxy-beta-D-glucopyranose 'C8 H15 N O6'
#
# COMPACT_ATOMS: atom_id res chain seq x y z
N GLY A 1 -17.51 23.23 7.22
CA GLY A 1 -16.03 23.25 7.45
C GLY A 1 -15.45 21.85 7.49
N LEU A 2 -15.44 21.21 6.32
CA LEU A 2 -14.94 19.85 6.20
C LEU A 2 -13.54 19.81 5.60
N ASP A 3 -12.94 18.62 5.60
CA ASP A 3 -11.64 18.43 4.99
C ASP A 3 -11.95 18.04 3.56
N THR A 4 -11.02 18.28 2.65
CA THR A 4 -11.24 17.94 1.26
C THR A 4 -10.00 17.26 0.67
N VAL A 5 -10.22 16.38 -0.30
CA VAL A 5 -9.14 15.65 -0.97
C VAL A 5 -9.45 15.64 -2.48
N SER A 6 -8.43 15.79 -3.31
CA SER A 6 -8.65 15.80 -4.76
C SER A 6 -7.92 14.71 -5.51
N PHE A 7 -8.50 14.28 -6.62
CA PHE A 7 -7.88 13.30 -7.49
C PHE A 7 -8.31 13.59 -8.91
N SER A 8 -7.33 13.81 -9.78
CA SER A 8 -7.60 14.07 -11.18
C SER A 8 -7.13 12.89 -12.00
N THR A 9 -7.94 12.49 -12.98
CA THR A 9 -7.57 11.36 -13.83
C THR A 9 -6.60 11.82 -14.93
N LYS A 10 -6.52 13.13 -15.16
CA LYS A 10 -5.64 13.67 -16.20
C LYS A 10 -4.17 13.44 -15.88
N GLY A 11 -3.51 12.61 -16.68
CA GLY A 11 -2.12 12.30 -16.44
C GLY A 11 -1.96 11.48 -15.18
N ALA A 12 -3.06 10.87 -14.71
CA ALA A 12 -3.01 10.06 -13.50
C ALA A 12 -2.17 8.82 -13.68
N THR A 13 -1.49 8.42 -12.62
CA THR A 13 -0.66 7.21 -12.63
C THR A 13 -1.00 6.40 -11.38
N TYR A 14 -0.50 5.16 -11.32
CA TYR A 14 -0.76 4.31 -10.18
C TYR A 14 -0.24 4.99 -8.91
N ILE A 15 0.77 5.84 -9.08
CA ILE A 15 1.38 6.58 -7.97
C ILE A 15 0.48 7.71 -7.45
N THR A 16 -0.10 8.51 -8.36
CA THR A 16 -0.96 9.59 -7.93
C THR A 16 -2.20 9.03 -7.22
N TYR A 17 -2.64 7.86 -7.66
CA TYR A 17 -3.80 7.19 -7.08
C TYR A 17 -3.52 6.74 -5.64
N VAL A 18 -2.39 6.08 -5.44
CA VAL A 18 -2.02 5.61 -4.10
C VAL A 18 -1.82 6.79 -3.14
N ASN A 19 -1.14 7.84 -3.60
CA ASN A 19 -0.91 9.01 -2.75
C ASN A 19 -2.24 9.64 -2.34
N PHE A 20 -3.20 9.62 -3.27
CA PHE A 20 -4.55 10.13 -3.04
C PHE A 20 -5.22 9.32 -1.91
N LEU A 21 -5.22 8.00 -2.04
CA LEU A 21 -5.82 7.14 -1.01
C LEU A 21 -5.23 7.40 0.36
N ASN A 22 -3.91 7.56 0.45
CA ASN A 22 -3.29 7.80 1.75
C ASN A 22 -3.59 9.19 2.32
N GLU A 23 -3.93 10.12 1.43
CA GLU A 23 -4.28 11.46 1.89
C GLU A 23 -5.68 11.36 2.50
N LEU A 24 -6.54 10.59 1.85
CA LEU A 24 -7.90 10.39 2.35
C LEU A 24 -7.89 9.66 3.70
N ARG A 25 -7.07 8.63 3.80
CA ARG A 25 -6.96 7.85 5.03
C ARG A 25 -6.58 8.73 6.22
N VAL A 26 -5.81 9.77 5.94
CA VAL A 26 -5.38 10.70 6.97
C VAL A 26 -6.51 11.66 7.35
N LYS A 27 -7.17 12.22 6.34
CA LYS A 27 -8.25 13.18 6.59
C LYS A 27 -9.52 12.61 7.21
N LEU A 28 -9.65 11.28 7.20
CA LEU A 28 -10.80 10.66 7.84
C LEU A 28 -10.58 10.75 9.36
N LYS A 29 -9.36 11.12 9.73
CA LYS A 29 -8.95 11.30 11.12
C LYS A 29 -9.34 10.19 12.11
N PRO A 30 -8.84 8.96 11.89
CA PRO A 30 -9.19 7.90 12.82
C PRO A 30 -8.64 8.22 14.22
N GLU A 31 -9.19 7.60 15.27
CA GLU A 31 -8.71 7.86 16.61
C GLU A 31 -8.18 6.59 17.26
N GLY A 32 -6.87 6.55 17.47
CA GLY A 32 -6.29 5.39 18.08
C GLY A 32 -6.18 4.26 17.08
N ASN A 33 -6.09 3.04 17.58
CA ASN A 33 -5.93 1.89 16.72
C ASN A 33 -6.27 0.63 17.50
N SER A 34 -6.36 -0.48 16.79
CA SER A 34 -6.59 -1.77 17.43
C SER A 34 -5.52 -2.69 16.84
N HIS A 35 -4.65 -3.21 17.70
CA HIS A 35 -3.58 -4.10 17.25
C HIS A 35 -2.71 -3.42 16.20
N GLY A 36 -2.60 -2.09 16.27
CA GLY A 36 -1.78 -1.35 15.35
C GLY A 36 -2.49 -0.82 14.12
N ILE A 37 -3.72 -1.28 13.89
CA ILE A 37 -4.49 -0.84 12.74
C ILE A 37 -5.32 0.39 13.10
N PRO A 38 -5.22 1.47 12.30
CA PRO A 38 -5.98 2.68 12.59
C PRO A 38 -7.46 2.38 12.79
N LEU A 39 -8.04 2.99 13.82
CA LEU A 39 -9.44 2.79 14.19
C LEU A 39 -10.27 4.06 13.98
N LEU A 40 -11.26 3.98 13.09
CA LEU A 40 -12.10 5.13 12.78
C LEU A 40 -12.90 5.56 14.02
N ARG A 41 -13.18 6.85 14.11
CA ARG A 41 -13.93 7.38 15.24
C ARG A 41 -15.26 6.64 15.37
N LYS A 42 -15.65 6.39 16.62
CA LYS A 42 -16.90 5.69 16.90
C LYS A 42 -18.09 6.57 16.55
N LYS A 43 -18.06 7.82 17.00
CA LYS A 43 -19.15 8.76 16.74
C LYS A 43 -18.69 10.10 16.21
N CYS A 44 -19.52 10.70 15.38
CA CYS A 44 -19.25 11.99 14.77
C CYS A 44 -20.54 12.29 14.04
N ASP A 45 -21.48 12.92 14.73
CA ASP A 45 -22.78 13.20 14.15
C ASP A 45 -23.00 14.59 13.55
N ASP A 46 -22.14 15.55 13.88
CA ASP A 46 -22.27 16.89 13.33
C ASP A 46 -21.86 16.94 11.84
N PRO A 47 -22.83 17.05 10.93
CA PRO A 47 -22.54 17.09 9.49
C PRO A 47 -21.50 18.15 9.14
N GLY A 48 -21.42 19.18 9.98
CA GLY A 48 -20.48 20.26 9.76
C GLY A 48 -19.01 19.91 9.85
N LYS A 49 -18.69 18.75 10.40
CA LYS A 49 -17.30 18.33 10.50
C LYS A 49 -17.12 16.82 10.58
N CYS A 50 -18.09 16.09 10.05
CA CYS A 50 -18.04 14.63 10.06
C CYS A 50 -18.06 14.03 8.68
N PHE A 51 -17.69 14.83 7.69
CA PHE A 51 -17.63 14.38 6.31
C PHE A 51 -16.39 14.92 5.62
N VAL A 52 -15.84 14.13 4.70
CA VAL A 52 -14.68 14.54 3.92
C VAL A 52 -15.14 14.60 2.46
N LEU A 53 -14.83 15.70 1.78
CA LEU A 53 -15.22 15.85 0.39
C LEU A 53 -14.09 15.39 -0.54
N VAL A 54 -14.43 14.49 -1.46
CA VAL A 54 -13.45 13.99 -2.42
C VAL A 54 -13.79 14.59 -3.76
N ALA A 55 -12.91 15.43 -4.28
CA ALA A 55 -13.12 16.09 -5.57
C ALA A 55 -12.53 15.26 -6.72
N LEU A 56 -13.39 14.61 -7.48
CA LEU A 56 -12.99 13.77 -8.61
C LEU A 56 -13.22 14.52 -9.92
N SER A 57 -12.16 14.68 -10.70
CA SER A 57 -12.29 15.37 -11.99
C SER A 57 -11.59 14.59 -13.09
N ASN A 58 -12.17 14.55 -14.28
CA ASN A 58 -11.55 13.81 -15.35
C ASN A 58 -10.75 14.68 -16.31
N ASP A 59 -10.30 14.08 -17.41
CA ASP A 59 -9.52 14.79 -18.40
C ASP A 59 -10.26 15.99 -19.01
N ASN A 60 -11.58 15.89 -19.12
CA ASN A 60 -12.37 16.97 -19.70
C ASN A 60 -12.72 18.09 -18.75
N GLY A 61 -12.31 17.96 -17.49
CA GLY A 61 -12.61 19.00 -16.52
C GLY A 61 -13.91 18.80 -15.77
N GLN A 62 -14.66 17.76 -16.11
CA GLN A 62 -15.90 17.47 -15.41
C GLN A 62 -15.54 17.12 -13.97
N LEU A 63 -16.33 17.62 -13.03
CA LEU A 63 -16.08 17.44 -11.60
C LEU A 63 -17.25 16.87 -10.78
N ALA A 64 -16.92 15.97 -9.87
CA ALA A 64 -17.92 15.36 -9.01
C ALA A 64 -17.33 15.36 -7.61
N GLU A 65 -18.04 15.97 -6.67
CA GLU A 65 -17.57 16.03 -5.28
C GLU A 65 -18.38 15.10 -4.40
N ILE A 66 -17.72 14.04 -3.94
CA ILE A 66 -18.30 12.99 -3.12
C ILE A 66 -18.18 13.25 -1.61
N ALA A 67 -19.30 13.12 -0.89
CA ALA A 67 -19.31 13.29 0.56
C ALA A 67 -19.17 11.92 1.21
N ILE A 68 -18.13 11.75 2.02
CA ILE A 68 -17.85 10.47 2.68
C ILE A 68 -17.85 10.60 4.20
N ASP A 69 -18.62 9.73 4.85
CA ASP A 69 -18.76 9.67 6.31
C ASP A 69 -17.41 9.29 6.93
N VAL A 70 -16.96 10.03 7.95
CA VAL A 70 -15.67 9.72 8.58
C VAL A 70 -15.67 8.54 9.57
N THR A 71 -16.85 8.04 9.91
CA THR A 71 -16.90 6.92 10.85
C THR A 71 -16.97 5.58 10.11
N SER A 72 -17.51 5.61 8.89
CA SER A 72 -17.67 4.40 8.11
C SER A 72 -17.05 4.43 6.72
N VAL A 73 -16.66 5.62 6.28
CA VAL A 73 -16.10 5.82 4.94
C VAL A 73 -17.22 5.55 3.93
N TYR A 74 -18.46 5.79 4.37
CA TYR A 74 -19.63 5.58 3.54
C TYR A 74 -19.95 6.80 2.67
N VAL A 75 -20.21 6.55 1.40
CA VAL A 75 -20.57 7.62 0.46
C VAL A 75 -22.07 7.88 0.66
N VAL A 76 -22.44 9.10 1.04
CA VAL A 76 -23.86 9.41 1.27
C VAL A 76 -24.50 10.27 0.17
N GLY A 77 -23.67 10.95 -0.60
CA GLY A 77 -24.17 11.80 -1.67
C GLY A 77 -23.03 12.52 -2.39
N TYR A 78 -23.36 13.34 -3.38
CA TYR A 78 -22.36 14.06 -4.15
C TYR A 78 -22.93 15.30 -4.85
N GLN A 79 -22.05 16.19 -5.27
CA GLN A 79 -22.45 17.40 -5.98
C GLN A 79 -21.78 17.49 -7.33
N VAL A 80 -22.57 17.87 -8.34
CA VAL A 80 -22.07 18.06 -9.70
C VAL A 80 -22.69 19.38 -10.13
N ARG A 81 -21.86 20.29 -10.64
CA ARG A 81 -22.34 21.61 -11.05
C ARG A 81 -23.05 22.26 -9.86
N ASN A 82 -24.30 22.70 -10.02
CA ASN A 82 -25.01 23.33 -8.92
C ASN A 82 -26.10 22.44 -8.34
N ARG A 83 -25.91 21.13 -8.48
CA ARG A 83 -26.87 20.14 -7.98
C ARG A 83 -26.24 19.13 -7.04
N SER A 84 -27.05 18.55 -6.16
CA SER A 84 -26.55 17.54 -5.25
C SER A 84 -27.56 16.39 -5.19
N TYR A 85 -27.04 15.18 -5.04
CA TYR A 85 -27.88 13.98 -4.98
C TYR A 85 -27.47 13.16 -3.77
N PHE A 86 -28.46 12.58 -3.09
CA PHE A 86 -28.22 11.78 -1.90
C PHE A 86 -28.91 10.43 -2.00
N PHE A 87 -28.27 9.39 -1.46
CA PHE A 87 -28.87 8.06 -1.46
C PHE A 87 -30.15 8.13 -0.61
N LYS A 88 -31.13 7.30 -0.95
CA LYS A 88 -32.39 7.31 -0.26
C LYS A 88 -32.21 7.12 1.25
N ASP A 89 -31.21 6.32 1.62
CA ASP A 89 -30.93 6.04 3.03
C ASP A 89 -30.02 7.04 3.76
N ALA A 90 -29.69 8.15 3.11
CA ALA A 90 -28.83 9.16 3.75
C ALA A 90 -29.62 9.77 4.92
N PRO A 91 -29.00 9.89 6.10
CA PRO A 91 -29.69 10.46 7.27
C PRO A 91 -30.10 11.92 7.05
N ASP A 92 -31.17 12.34 7.72
CA ASP A 92 -31.70 13.69 7.58
C ASP A 92 -30.68 14.79 7.90
N ALA A 93 -29.86 14.56 8.91
CA ALA A 93 -28.84 15.55 9.29
C ALA A 93 -27.91 15.85 8.13
N ALA A 94 -27.47 14.82 7.41
CA ALA A 94 -26.56 14.98 6.29
C ALA A 94 -27.25 15.60 5.08
N TYR A 95 -28.47 15.14 4.78
CA TYR A 95 -29.21 15.66 3.65
C TYR A 95 -29.40 17.17 3.76
N GLU A 96 -29.72 17.62 4.97
CA GLU A 96 -29.95 19.04 5.22
C GLU A 96 -28.65 19.80 5.39
N GLY A 97 -27.69 19.15 6.04
CA GLY A 97 -26.42 19.81 6.31
C GLY A 97 -25.36 19.91 5.23
N LEU A 98 -25.34 18.97 4.29
CA LEU A 98 -24.33 18.97 3.24
C LEU A 98 -24.72 19.65 1.94
N PHE A 99 -23.71 20.11 1.22
CA PHE A 99 -23.90 20.74 -0.08
C PHE A 99 -24.96 21.82 -0.09
N LYS A 100 -24.82 22.80 0.80
CA LYS A 100 -25.77 23.90 0.82
C LYS A 100 -25.57 24.77 -0.42
N ASN A 101 -26.63 25.48 -0.80
CA ASN A 101 -26.65 26.31 -2.00
C ASN A 101 -26.51 25.49 -3.28
N THR A 102 -27.28 24.41 -3.35
CA THR A 102 -27.32 23.55 -4.53
C THR A 102 -28.79 23.17 -4.65
N ILE A 103 -29.20 22.73 -5.83
CA ILE A 103 -30.56 22.27 -6.01
C ILE A 103 -30.47 20.81 -5.51
N LYS A 104 -31.11 20.53 -4.38
CA LYS A 104 -31.06 19.18 -3.77
C LYS A 104 -32.10 18.16 -4.20
N THR A 105 -31.63 16.92 -4.31
CA THR A 105 -32.47 15.78 -4.69
C THR A 105 -32.12 14.54 -3.89
N ARG A 106 -33.11 13.71 -3.60
CA ARG A 106 -32.88 12.47 -2.88
C ARG A 106 -33.15 11.33 -3.87
N LEU A 107 -32.12 10.53 -4.15
CA LEU A 107 -32.26 9.42 -5.06
C LEU A 107 -33.32 8.44 -4.54
N HIS A 108 -33.89 7.64 -5.44
CA HIS A 108 -34.91 6.69 -5.06
C HIS A 108 -34.39 5.29 -4.82
N PHE A 109 -33.12 5.19 -4.48
CA PHE A 109 -32.51 3.90 -4.18
C PHE A 109 -31.42 4.11 -3.14
N GLY A 110 -31.17 3.08 -2.34
CA GLY A 110 -30.17 3.17 -1.30
C GLY A 110 -28.75 3.05 -1.83
N GLY A 111 -27.80 3.25 -0.92
CA GLY A 111 -26.40 3.18 -1.29
C GLY A 111 -25.72 1.84 -1.03
N SER A 112 -26.45 0.86 -0.49
CA SER A 112 -25.85 -0.44 -0.21
C SER A 112 -25.66 -1.18 -1.53
N TYR A 113 -24.81 -2.20 -1.54
CA TYR A 113 -24.58 -2.96 -2.76
C TYR A 113 -25.87 -3.58 -3.29
N PRO A 114 -26.69 -4.21 -2.42
CA PRO A 114 -27.93 -4.79 -2.94
C PRO A 114 -28.91 -3.73 -3.46
N SER A 115 -28.86 -2.53 -2.88
CA SER A 115 -29.73 -1.44 -3.35
C SER A 115 -29.24 -0.98 -4.73
N LEU A 116 -27.92 -0.97 -4.92
CA LEU A 116 -27.35 -0.57 -6.20
C LEU A 116 -27.64 -1.63 -7.27
N GLU A 117 -27.74 -2.90 -6.86
CA GLU A 117 -28.04 -3.98 -7.80
C GLU A 117 -29.47 -3.81 -8.29
N GLY A 118 -30.29 -3.17 -7.46
CA GLY A 118 -31.67 -2.91 -7.84
C GLY A 118 -31.70 -1.97 -9.03
N GLU A 119 -30.61 -1.21 -9.21
CA GLU A 119 -30.49 -0.27 -10.31
C GLU A 119 -29.56 -0.82 -11.38
N LYS A 120 -29.45 -2.15 -11.42
CA LYS A 120 -28.63 -2.87 -12.39
C LYS A 120 -27.11 -2.78 -12.25
N ALA A 121 -26.61 -2.22 -11.15
CA ALA A 121 -25.17 -2.12 -10.95
C ALA A 121 -24.66 -3.25 -10.05
N TYR A 122 -24.02 -4.25 -10.67
CA TYR A 122 -23.48 -5.41 -9.95
C TYR A 122 -21.96 -5.39 -9.90
N ARG A 123 -21.40 -5.61 -8.71
CA ARG A 123 -19.95 -5.63 -8.57
C ARG A 123 -19.28 -6.60 -9.54
N GLU A 124 -19.87 -7.78 -9.69
CA GLU A 124 -19.28 -8.78 -10.58
C GLU A 124 -19.21 -8.37 -12.05
N THR A 125 -20.03 -7.41 -12.48
CA THR A 125 -20.00 -7.02 -13.89
C THR A 125 -19.67 -5.56 -14.15
N THR A 126 -19.07 -4.90 -13.16
CA THR A 126 -18.72 -3.49 -13.33
C THR A 126 -17.20 -3.35 -13.35
N ASP A 127 -16.68 -2.87 -14.48
CA ASP A 127 -15.25 -2.66 -14.68
C ASP A 127 -14.71 -1.60 -13.74
N LEU A 128 -13.49 -1.80 -13.27
CA LEU A 128 -12.82 -0.84 -12.40
C LEU A 128 -11.46 -0.52 -13.04
N GLY A 129 -11.01 0.72 -12.87
CA GLY A 129 -9.74 1.13 -13.45
C GLY A 129 -9.81 2.61 -13.73
N ILE A 130 -8.74 3.20 -14.27
CA ILE A 130 -8.76 4.63 -14.55
C ILE A 130 -9.77 5.04 -15.64
N GLU A 131 -9.92 4.24 -16.70
CA GLU A 131 -10.90 4.60 -17.73
C GLU A 131 -12.31 4.49 -17.17
N PRO A 132 -12.63 3.40 -16.44
CA PRO A 132 -13.98 3.26 -15.87
C PRO A 132 -14.26 4.43 -14.91
N LEU A 133 -13.21 4.98 -14.30
CA LEU A 133 -13.37 6.11 -13.39
C LEU A 133 -13.64 7.39 -14.18
N ARG A 134 -12.89 7.61 -15.26
CA ARG A 134 -13.09 8.80 -16.08
C ARG A 134 -14.53 8.83 -16.59
N ILE A 135 -15.00 7.67 -17.05
CA ILE A 135 -16.36 7.54 -17.58
C ILE A 135 -17.41 7.76 -16.48
N GLY A 136 -17.11 7.28 -15.28
CA GLY A 136 -18.05 7.44 -14.17
C GLY A 136 -18.24 8.91 -13.83
N ILE A 137 -17.15 9.66 -13.79
CA ILE A 137 -17.22 11.08 -13.49
C ILE A 137 -18.01 11.76 -14.60
N LYS A 138 -17.71 11.39 -15.84
CA LYS A 138 -18.37 11.95 -17.00
C LYS A 138 -19.87 11.74 -16.92
N LYS A 139 -20.28 10.53 -16.55
CA LYS A 139 -21.70 10.22 -16.44
C LYS A 139 -22.40 10.96 -15.30
N LEU A 140 -21.72 11.14 -14.18
CA LEU A 140 -22.31 11.84 -13.05
C LEU A 140 -22.59 13.29 -13.44
N ASP A 141 -21.67 13.88 -14.20
CA ASP A 141 -21.83 15.26 -14.63
C ASP A 141 -22.92 15.35 -15.69
N GLU A 142 -22.92 14.41 -16.63
CA GLU A 142 -23.93 14.39 -17.68
C GLU A 142 -25.34 14.27 -17.10
N ASN A 143 -25.43 13.65 -15.92
CA ASN A 143 -26.72 13.48 -15.28
C ASN A 143 -27.03 14.55 -14.24
N ALA A 144 -26.37 15.69 -14.35
CA ALA A 144 -26.62 16.81 -13.43
C ALA A 144 -27.83 17.54 -13.99
N ILE A 145 -28.94 16.81 -14.09
CA ILE A 145 -30.20 17.33 -14.64
C ILE A 145 -31.40 16.77 -13.86
N ASP A 146 -32.58 17.28 -14.15
CA ASP A 146 -33.80 16.82 -13.48
C ASP A 146 -34.15 15.39 -13.92
N ASN A 147 -34.09 15.15 -15.22
CA ASN A 147 -34.43 13.85 -15.76
C ASN A 147 -33.19 12.97 -15.91
N TYR A 148 -32.56 12.68 -14.78
CA TYR A 148 -31.35 11.88 -14.78
C TYR A 148 -31.65 10.38 -14.91
N LYS A 149 -30.66 9.64 -15.40
CA LYS A 149 -30.78 8.21 -15.57
C LYS A 149 -30.19 7.49 -14.35
N PRO A 150 -31.06 6.93 -13.48
CA PRO A 150 -30.59 6.23 -12.28
C PRO A 150 -29.61 5.07 -12.50
N THR A 151 -29.71 4.37 -13.63
CA THR A 151 -28.80 3.26 -13.89
C THR A 151 -27.37 3.75 -14.11
N GLU A 152 -27.23 4.92 -14.72
CA GLU A 152 -25.90 5.47 -14.97
C GLU A 152 -25.29 5.99 -13.67
N ILE A 153 -26.12 6.61 -12.84
CA ILE A 153 -25.66 7.13 -11.56
C ILE A 153 -25.23 5.94 -10.67
N ALA A 154 -26.05 4.88 -10.68
CA ALA A 154 -25.76 3.69 -9.89
C ALA A 154 -24.44 3.01 -10.30
N SER A 155 -24.23 2.78 -11.59
CA SER A 155 -22.99 2.14 -12.02
C SER A 155 -21.78 3.03 -11.76
N SER A 156 -21.94 4.34 -11.98
CA SER A 156 -20.84 5.27 -11.74
C SER A 156 -20.47 5.32 -10.25
N LEU A 157 -21.48 5.39 -9.38
CA LEU A 157 -21.20 5.44 -7.95
C LEU A 157 -20.60 4.11 -7.48
N LEU A 158 -20.98 3.01 -8.13
CA LEU A 158 -20.43 1.70 -7.77
C LEU A 158 -18.93 1.69 -8.04
N VAL A 159 -18.52 2.33 -9.13
CA VAL A 159 -17.09 2.40 -9.47
C VAL A 159 -16.40 3.30 -8.41
N VAL A 160 -16.98 4.46 -8.15
CA VAL A 160 -16.44 5.40 -7.16
C VAL A 160 -16.37 4.77 -5.76
N ILE A 161 -17.45 4.11 -5.34
CA ILE A 161 -17.49 3.47 -4.02
C ILE A 161 -16.34 2.48 -3.82
N GLN A 162 -16.05 1.65 -4.83
CA GLN A 162 -14.96 0.69 -4.68
C GLN A 162 -13.56 1.27 -4.88
N MET A 163 -13.41 2.18 -5.84
CA MET A 163 -12.08 2.77 -6.09
C MET A 163 -11.67 3.79 -5.04
N VAL A 164 -12.64 4.31 -4.30
CA VAL A 164 -12.34 5.28 -3.26
C VAL A 164 -12.55 4.71 -1.86
N SER A 165 -13.80 4.43 -1.49
CA SER A 165 -14.11 3.89 -0.16
C SER A 165 -13.51 2.52 0.18
N GLU A 166 -13.77 1.51 -0.65
CA GLU A 166 -13.25 0.16 -0.40
C GLU A 166 -11.71 0.15 -0.43
N ALA A 167 -11.12 0.81 -1.42
CA ALA A 167 -9.67 0.88 -1.52
C ALA A 167 -9.08 1.62 -0.30
N ALA A 168 -9.77 2.62 0.22
CA ALA A 168 -9.29 3.34 1.39
C ALA A 168 -9.29 2.42 2.62
N ARG A 169 -10.32 1.58 2.72
CA ARG A 169 -10.47 0.63 3.83
C ARG A 169 -9.49 -0.54 3.78
N PHE A 170 -9.27 -1.09 2.58
CA PHE A 170 -8.42 -2.26 2.37
C PHE A 170 -7.21 -2.04 1.48
N THR A 171 -6.03 -2.35 2.00
CA THR A 171 -4.81 -2.22 1.21
C THR A 171 -4.87 -3.27 0.09
N PHE A 172 -5.54 -4.39 0.34
CA PHE A 172 -5.68 -5.46 -0.64
C PHE A 172 -6.37 -4.96 -1.91
N ILE A 173 -7.49 -4.25 -1.73
CA ILE A 173 -8.25 -3.72 -2.86
C ILE A 173 -7.48 -2.58 -3.55
N GLU A 174 -6.81 -1.76 -2.73
CA GLU A 174 -5.98 -0.65 -3.22
C GLU A 174 -4.97 -1.17 -4.25
N ASN A 175 -4.34 -2.30 -3.93
CA ASN A 175 -3.34 -2.87 -4.83
C ASN A 175 -3.88 -3.66 -6.00
N GLN A 176 -5.12 -4.15 -5.88
CA GLN A 176 -5.74 -4.86 -6.99
C GLN A 176 -5.89 -3.79 -8.08
N ILE A 177 -6.20 -2.58 -7.63
CA ILE A 177 -6.38 -1.45 -8.53
C ILE A 177 -5.05 -0.86 -9.00
N ARG A 178 -4.12 -0.66 -8.07
CA ARG A 178 -2.81 -0.10 -8.37
C ARG A 178 -2.06 -0.83 -9.48
N ASN A 179 -2.04 -2.16 -9.41
CA ASN A 179 -1.33 -2.97 -10.40
C ASN A 179 -2.18 -3.38 -11.60
N ASN A 180 -3.33 -2.73 -11.77
CA ASN A 180 -4.25 -2.97 -12.88
C ASN A 180 -4.80 -1.60 -13.26
N PHE A 181 -4.13 -0.57 -12.78
CA PHE A 181 -4.55 0.81 -12.99
C PHE A 181 -4.95 1.22 -14.41
N GLN A 182 -4.09 0.93 -15.38
CA GLN A 182 -4.37 1.29 -16.75
C GLN A 182 -5.18 0.22 -17.48
N GLN A 183 -5.84 -0.67 -16.74
CA GLN A 183 -6.65 -1.72 -17.33
C GLN A 183 -8.06 -1.70 -16.77
N ARG A 184 -8.90 -2.60 -17.25
CA ARG A 184 -10.27 -2.74 -16.78
C ARG A 184 -10.35 -4.11 -16.14
N ILE A 185 -10.72 -4.15 -14.87
CA ILE A 185 -10.81 -5.41 -14.15
C ILE A 185 -12.08 -5.44 -13.34
N ARG A 186 -12.61 -6.63 -13.10
CA ARG A 186 -13.81 -6.77 -12.30
C ARG A 186 -13.41 -7.52 -11.04
N PRO A 187 -13.92 -7.07 -9.88
CA PRO A 187 -13.57 -7.76 -8.64
C PRO A 187 -13.94 -9.23 -8.67
N ALA A 188 -13.12 -10.06 -8.03
CA ALA A 188 -13.36 -11.49 -7.96
C ALA A 188 -13.97 -11.81 -6.60
N ASN A 189 -14.12 -13.09 -6.29
CA ASN A 189 -14.70 -13.53 -5.02
C ASN A 189 -13.88 -13.06 -3.80
N ASN A 190 -12.57 -12.92 -3.98
CA ASN A 190 -11.74 -12.48 -2.87
C ASN A 190 -12.03 -11.03 -2.49
N THR A 191 -12.01 -10.15 -3.49
CA THR A 191 -12.29 -8.73 -3.25
C THR A 191 -13.69 -8.52 -2.70
N ILE A 192 -14.67 -9.19 -3.29
CA ILE A 192 -16.05 -9.05 -2.85
C ILE A 192 -16.31 -9.52 -1.41
N SER A 193 -15.70 -10.64 -0.99
CA SER A 193 -15.90 -11.11 0.38
C SER A 193 -15.26 -10.17 1.40
N LEU A 194 -14.14 -9.56 1.04
CA LEU A 194 -13.50 -8.63 1.95
C LEU A 194 -14.44 -7.44 2.15
N GLU A 195 -14.90 -6.87 1.05
CA GLU A 195 -15.81 -5.74 1.09
C GLU A 195 -16.99 -6.08 2.00
N ASN A 196 -17.54 -7.29 1.84
CA ASN A 196 -18.69 -7.71 2.63
C ASN A 196 -18.41 -7.89 4.11
N LYS A 197 -17.20 -8.32 4.44
CA LYS A 197 -16.83 -8.62 5.81
C LYS A 197 -16.08 -7.59 6.63
N TRP A 198 -16.00 -6.35 6.13
CA TRP A 198 -15.26 -5.31 6.84
C TRP A 198 -15.77 -5.10 8.28
N GLY A 199 -17.09 -5.12 8.46
CA GLY A 199 -17.65 -4.92 9.79
C GLY A 199 -17.33 -6.05 10.75
N LYS A 200 -17.50 -7.29 10.30
CA LYS A 200 -17.22 -8.47 11.13
C LYS A 200 -15.74 -8.53 11.48
N LEU A 201 -14.89 -8.29 10.48
CA LEU A 201 -13.45 -8.30 10.72
C LEU A 201 -13.12 -7.21 11.75
N SER A 202 -13.70 -6.03 11.58
CA SER A 202 -13.43 -4.92 12.49
C SER A 202 -13.82 -5.22 13.95
N PHE A 203 -14.95 -5.90 14.14
CA PHE A 203 -15.41 -6.23 15.47
C PHE A 203 -14.54 -7.31 16.13
N GLN A 204 -14.27 -8.39 15.40
CA GLN A 204 -13.44 -9.48 15.94
C GLN A 204 -12.02 -9.03 16.27
N ILE A 205 -11.48 -8.12 15.48
CA ILE A 205 -10.13 -7.63 15.70
C ILE A 205 -10.08 -6.74 16.94
N ARG A 206 -10.98 -5.77 17.00
CA ARG A 206 -11.03 -4.85 18.12
C ARG A 206 -11.28 -5.53 19.47
N THR A 207 -12.15 -6.53 19.48
CA THR A 207 -12.49 -7.25 20.72
C THR A 207 -11.58 -8.43 21.08
N SER A 208 -10.56 -8.68 20.25
CA SER A 208 -9.64 -9.78 20.52
C SER A 208 -8.61 -9.40 21.58
N GLY A 209 -8.01 -10.41 22.21
CA GLY A 209 -7.02 -10.16 23.22
C GLY A 209 -5.65 -9.94 22.61
N ALA A 210 -4.62 -9.88 23.44
CA ALA A 210 -3.27 -9.66 22.94
C ALA A 210 -2.83 -10.74 21.94
N ASN A 211 -3.33 -11.96 22.10
CA ASN A 211 -2.96 -13.01 21.17
C ASN A 211 -3.62 -12.88 19.80
N GLY A 212 -4.53 -11.91 19.67
CA GLY A 212 -5.21 -11.69 18.39
C GLY A 212 -6.22 -12.73 17.93
N MET A 213 -6.55 -13.68 18.79
CA MET A 213 -7.50 -14.73 18.43
C MET A 213 -8.95 -14.24 18.41
N PHE A 214 -9.64 -14.47 17.30
CA PHE A 214 -11.03 -14.09 17.14
C PHE A 214 -11.89 -14.97 18.02
N SER A 215 -12.93 -14.41 18.63
CA SER A 215 -13.84 -15.21 19.45
C SER A 215 -14.64 -16.05 18.47
N GLU A 216 -14.92 -15.47 17.31
CA GLU A 216 -15.64 -16.13 16.23
C GLU A 216 -14.87 -15.89 14.93
N ALA A 217 -14.59 -16.97 14.19
CA ALA A 217 -13.87 -16.85 12.93
C ALA A 217 -14.71 -16.11 11.90
N VAL A 218 -14.05 -15.52 10.91
CA VAL A 218 -14.72 -14.79 9.86
C VAL A 218 -14.45 -15.46 8.51
N GLU A 219 -15.51 -15.81 7.80
CA GLU A 219 -15.34 -16.49 6.52
C GLU A 219 -15.07 -15.54 5.36
N LEU A 220 -14.02 -15.84 4.61
CA LEU A 220 -13.64 -15.06 3.43
C LEU A 220 -13.57 -16.06 2.28
N GLU A 221 -13.29 -15.56 1.07
CA GLU A 221 -13.22 -16.44 -0.08
C GLU A 221 -12.03 -16.11 -0.94
N ARG A 222 -11.54 -17.11 -1.66
CA ARG A 222 -10.42 -16.95 -2.57
C ARG A 222 -11.07 -16.44 -3.86
N ALA A 223 -10.25 -16.16 -4.88
CA ALA A 223 -10.75 -15.66 -6.15
C ALA A 223 -11.82 -16.56 -6.75
N ASN A 224 -11.64 -17.87 -6.60
CA ASN A 224 -12.57 -18.85 -7.15
C ASN A 224 -13.76 -19.21 -6.25
N GLY A 225 -13.91 -18.49 -5.14
CA GLY A 225 -15.04 -18.78 -4.27
C GLY A 225 -14.75 -19.73 -3.11
N LYS A 226 -13.65 -20.46 -3.19
CA LYS A 226 -13.27 -21.39 -2.12
C LYS A 226 -13.20 -20.61 -0.80
N LYS A 227 -13.92 -21.09 0.21
CA LYS A 227 -13.95 -20.42 1.50
C LYS A 227 -12.75 -20.74 2.37
N TYR A 228 -12.45 -19.82 3.28
CA TYR A 228 -11.40 -20.00 4.26
C TYR A 228 -11.82 -19.15 5.44
N TYR A 229 -11.32 -19.48 6.62
CA TYR A 229 -11.71 -18.74 7.81
C TYR A 229 -10.57 -18.00 8.45
N VAL A 230 -10.83 -16.74 8.79
CA VAL A 230 -9.83 -15.93 9.45
C VAL A 230 -10.13 -16.10 10.94
N THR A 231 -9.13 -16.55 11.68
CA THR A 231 -9.29 -16.78 13.11
C THR A 231 -8.33 -15.94 13.95
N ALA A 232 -7.50 -15.15 13.29
CA ALA A 232 -6.54 -14.30 14.00
C ALA A 232 -6.27 -13.00 13.26
N VAL A 233 -6.00 -11.95 14.02
CA VAL A 233 -5.72 -10.63 13.46
C VAL A 233 -4.63 -10.67 12.38
N ASP A 234 -3.47 -11.20 12.73
CA ASP A 234 -2.36 -11.25 11.81
C ASP A 234 -2.63 -11.95 10.48
N GLN A 235 -3.68 -12.77 10.42
CA GLN A 235 -4.01 -13.46 9.19
C GLN A 235 -4.54 -12.49 8.13
N VAL A 236 -5.13 -11.39 8.59
CA VAL A 236 -5.72 -10.43 7.68
C VAL A 236 -5.16 -9.00 7.82
N LYS A 237 -4.42 -8.74 8.89
CA LYS A 237 -3.84 -7.42 9.12
C LYS A 237 -3.18 -6.74 7.92
N PRO A 238 -2.37 -7.47 7.15
CA PRO A 238 -1.73 -6.81 6.00
C PRO A 238 -2.66 -6.35 4.88
N LYS A 239 -3.91 -6.80 4.92
CA LYS A 239 -4.91 -6.44 3.91
C LYS A 239 -5.79 -5.25 4.29
N ILE A 240 -5.74 -4.83 5.56
CA ILE A 240 -6.57 -3.75 6.07
C ILE A 240 -5.83 -2.44 6.39
N ALA A 241 -6.41 -1.32 5.96
CA ALA A 241 -5.81 0.00 6.20
C ALA A 241 -6.53 0.75 7.32
N LEU A 242 -7.85 0.52 7.42
CA LEU A 242 -8.68 1.19 8.43
C LEU A 242 -9.69 0.22 9.05
N LEU A 243 -9.95 0.40 10.35
CA LEU A 243 -10.92 -0.42 11.08
C LEU A 243 -12.14 0.40 11.44
N LYS A 244 -13.31 -0.22 11.34
CA LYS A 244 -14.55 0.44 11.70
C LYS A 244 -14.74 0.18 13.19
N PHE A 245 -15.29 1.14 13.92
CA PHE A 245 -15.52 0.93 15.33
C PHE A 245 -16.89 0.27 15.48
N VAL A 246 -16.91 -1.03 15.74
CA VAL A 246 -18.17 -1.77 15.87
C VAL A 246 -18.46 -2.14 17.34
N ASP A 247 -19.60 -1.66 17.84
CA ASP A 247 -20.02 -1.90 19.21
C ASP A 247 -20.48 -3.31 19.54
N LYS A 248 -21.64 -3.67 19.02
CA LYS A 248 -22.21 -4.99 19.26
C LYS A 248 -21.74 -5.93 18.17
N ASP A 249 -21.84 -7.22 18.43
CA ASP A 249 -21.44 -8.22 17.46
C ASP A 249 -22.31 -8.03 16.22
N PRO A 250 -21.70 -7.70 15.07
CA PRO A 250 -22.43 -7.50 13.82
C PRO A 250 -22.79 -8.81 13.12
N LYS A 251 -23.89 -8.79 12.37
CA LYS A 251 -24.35 -9.97 11.63
C LYS A 251 -25.69 -9.68 10.96
N GLY B 1 23.04 15.15 -10.28
CA GLY B 1 23.66 13.84 -9.93
C GLY B 1 22.64 12.75 -9.63
N LEU B 2 22.77 12.14 -8.46
CA LEU B 2 21.86 11.08 -8.04
C LEU B 2 20.69 11.67 -7.27
N ASP B 3 19.52 11.02 -7.36
CA ASP B 3 18.35 11.50 -6.63
C ASP B 3 18.49 11.09 -5.16
N THR B 4 17.89 11.87 -4.27
CA THR B 4 17.95 11.55 -2.86
C THR B 4 16.57 11.59 -2.24
N VAL B 5 16.23 10.53 -1.52
CA VAL B 5 14.95 10.43 -0.84
C VAL B 5 15.29 10.40 0.65
N SER B 6 14.61 11.24 1.42
CA SER B 6 14.87 11.32 2.85
C SER B 6 13.73 10.78 3.70
N PHE B 7 14.08 10.38 4.91
CA PHE B 7 13.12 9.88 5.89
C PHE B 7 13.63 10.14 7.31
N SER B 8 12.80 10.77 8.14
CA SER B 8 13.18 11.04 9.52
C SER B 8 12.33 10.21 10.46
N THR B 9 12.95 9.72 11.52
CA THR B 9 12.22 8.90 12.47
C THR B 9 11.57 9.77 13.54
N LYS B 10 11.99 11.03 13.61
CA LYS B 10 11.43 11.96 14.61
C LYS B 10 10.00 12.32 14.25
N GLY B 11 9.07 11.85 15.07
CA GLY B 11 7.66 12.13 14.83
C GLY B 11 7.13 11.32 13.65
N ALA B 12 7.80 10.22 13.34
CA ALA B 12 7.38 9.39 12.23
C ALA B 12 6.10 8.64 12.57
N THR B 13 5.26 8.44 11.55
CA THR B 13 4.00 7.73 11.71
C THR B 13 3.92 6.71 10.59
N TYR B 14 2.96 5.81 10.69
CA TYR B 14 2.79 4.80 9.66
C TYR B 14 2.58 5.47 8.29
N ILE B 15 2.05 6.69 8.31
CA ILE B 15 1.80 7.44 7.09
C ILE B 15 3.05 8.07 6.46
N THR B 16 3.91 8.69 7.26
CA THR B 16 5.13 9.29 6.69
C THR B 16 6.03 8.18 6.15
N TYR B 17 5.96 7.00 6.76
CA TYR B 17 6.75 5.85 6.33
C TYR B 17 6.29 5.38 4.93
N VAL B 18 4.99 5.21 4.78
CA VAL B 18 4.41 4.77 3.51
C VAL B 18 4.59 5.81 2.40
N ASN B 19 4.48 7.09 2.73
CA ASN B 19 4.67 8.13 1.71
C ASN B 19 6.14 8.12 1.27
N PHE B 20 7.03 7.80 2.22
CA PHE B 20 8.46 7.71 1.93
C PHE B 20 8.73 6.60 0.91
N LEU B 21 8.17 5.41 1.16
CA LEU B 21 8.35 4.26 0.27
C LEU B 21 7.87 4.53 -1.15
N ASN B 22 6.77 5.26 -1.29
CA ASN B 22 6.26 5.55 -2.62
C ASN B 22 7.10 6.60 -3.31
N GLU B 23 7.79 7.41 -2.51
CA GLU B 23 8.67 8.42 -3.06
C GLU B 23 9.88 7.70 -3.66
N LEU B 24 10.35 6.68 -2.95
CA LEU B 24 11.48 5.87 -3.36
C LEU B 24 11.16 5.05 -4.61
N ARG B 25 9.97 4.46 -4.66
CA ARG B 25 9.55 3.66 -5.80
C ARG B 25 9.56 4.48 -7.08
N VAL B 26 9.23 5.76 -6.96
CA VAL B 26 9.21 6.68 -8.10
C VAL B 26 10.62 6.97 -8.58
N LYS B 27 11.49 7.36 -7.66
CA LYS B 27 12.87 7.70 -8.01
C LYS B 27 13.73 6.54 -8.47
N LEU B 28 13.28 5.31 -8.26
CA LEU B 28 14.04 4.15 -8.74
C LEU B 28 13.84 4.13 -10.26
N LYS B 29 12.82 4.87 -10.71
CA LYS B 29 12.46 5.01 -12.10
C LYS B 29 12.36 3.73 -12.93
N PRO B 30 11.36 2.88 -12.64
CA PRO B 30 11.21 1.65 -13.40
C PRO B 30 10.85 2.02 -14.84
N GLU B 31 11.10 1.13 -15.79
CA GLU B 31 10.76 1.45 -17.17
C GLU B 31 9.73 0.48 -17.69
N GLY B 32 8.51 0.97 -17.89
CA GLY B 32 7.46 0.10 -18.37
C GLY B 32 6.92 -0.75 -17.25
N ASN B 33 6.28 -1.86 -17.63
CA ASN B 33 5.69 -2.73 -16.64
C ASN B 33 5.47 -4.10 -17.24
N SER B 34 5.05 -5.03 -16.39
CA SER B 34 4.73 -6.37 -16.83
C SER B 34 3.44 -6.72 -16.09
N HIS B 35 2.37 -6.89 -16.84
CA HIS B 35 1.08 -7.21 -16.25
C HIS B 35 0.64 -6.12 -15.29
N GLY B 36 0.99 -4.88 -15.60
CA GLY B 36 0.60 -3.77 -14.75
C GLY B 36 1.52 -3.45 -13.59
N ILE B 37 2.46 -4.35 -13.31
CA ILE B 37 3.41 -4.15 -12.23
C ILE B 37 4.65 -3.45 -12.77
N PRO B 38 5.01 -2.28 -12.20
CA PRO B 38 6.19 -1.56 -12.68
C PRO B 38 7.45 -2.43 -12.72
N LEU B 39 8.15 -2.37 -13.86
CA LEU B 39 9.35 -3.16 -14.10
C LEU B 39 10.64 -2.34 -14.03
N LEU B 40 11.53 -2.71 -13.10
CA LEU B 40 12.79 -1.99 -12.94
C LEU B 40 13.67 -2.12 -14.19
N ARG B 41 14.55 -1.14 -14.38
CA ARG B 41 15.45 -1.14 -15.52
C ARG B 41 16.36 -2.37 -15.54
N LYS B 42 16.65 -2.87 -16.74
CA LYS B 42 17.50 -4.05 -16.90
C LYS B 42 18.96 -3.72 -16.68
N LYS B 43 19.48 -2.78 -17.46
CA LYS B 43 20.88 -2.40 -17.35
C LYS B 43 21.02 -0.95 -16.93
N CYS B 44 22.13 -0.65 -16.27
CA CYS B 44 22.44 0.68 -15.77
C CYS B 44 23.75 0.48 -15.01
N ASP B 45 24.87 0.60 -15.72
CA ASP B 45 26.18 0.41 -15.11
C ASP B 45 26.88 1.71 -14.76
N ASP B 46 26.23 2.84 -15.01
CA ASP B 46 26.82 4.14 -14.72
C ASP B 46 26.51 4.59 -13.29
N PRO B 47 27.52 4.55 -12.40
CA PRO B 47 27.35 4.97 -11.00
C PRO B 47 26.86 6.41 -10.94
N GLY B 48 27.03 7.12 -12.05
CA GLY B 48 26.64 8.52 -12.13
C GLY B 48 25.14 8.76 -12.03
N LYS B 49 24.35 7.72 -12.28
CA LYS B 49 22.90 7.87 -12.20
C LYS B 49 22.15 6.55 -12.09
N CYS B 50 22.83 5.54 -11.54
CA CYS B 50 22.21 4.22 -11.38
C CYS B 50 22.00 3.81 -9.92
N PHE B 51 22.03 4.81 -9.05
CA PHE B 51 21.82 4.61 -7.62
C PHE B 51 20.93 5.73 -7.10
N VAL B 52 20.17 5.43 -6.05
CA VAL B 52 19.32 6.42 -5.41
C VAL B 52 19.84 6.48 -3.97
N LEU B 53 20.01 7.68 -3.43
CA LEU B 53 20.51 7.80 -2.07
C LEU B 53 19.34 8.01 -1.12
N VAL B 54 19.29 7.20 -0.07
CA VAL B 54 18.22 7.30 0.92
C VAL B 54 18.84 7.82 2.21
N ALA B 55 18.43 9.01 2.62
CA ALA B 55 18.95 9.65 3.82
C ALA B 55 18.09 9.34 5.04
N LEU B 56 18.58 8.44 5.89
CA LEU B 56 17.88 8.04 7.09
C LEU B 56 18.41 8.82 8.29
N SER B 57 17.53 9.55 8.98
CA SER B 57 17.96 10.30 10.15
C SER B 57 17.06 9.99 11.34
N ASN B 58 17.66 9.81 12.52
CA ASN B 58 16.85 9.52 13.69
C ASN B 58 16.51 10.74 14.56
N ASP B 59 15.96 10.48 15.74
CA ASP B 59 15.56 11.52 16.67
C ASP B 59 16.67 12.42 17.17
N ASN B 60 17.89 11.91 17.21
CA ASN B 60 19.03 12.69 17.70
C ASN B 60 19.86 13.33 16.60
N GLY B 61 19.33 13.39 15.38
CA GLY B 61 20.07 14.00 14.30
C GLY B 61 21.11 13.13 13.61
N GLN B 62 21.27 11.88 14.07
CA GLN B 62 22.22 10.97 13.47
C GLN B 62 21.74 10.60 12.07
N LEU B 63 22.66 10.60 11.11
CA LEU B 63 22.32 10.31 9.72
C LEU B 63 23.14 9.20 9.07
N ALA B 64 22.48 8.42 8.21
CA ALA B 64 23.09 7.33 7.47
C ALA B 64 22.48 7.45 6.07
N GLU B 65 23.33 7.65 5.07
CA GLU B 65 22.85 7.77 3.70
C GLU B 65 23.07 6.44 3.00
N ILE B 66 21.99 5.80 2.58
CA ILE B 66 22.06 4.47 1.93
C ILE B 66 22.05 4.54 0.40
N ALA B 67 22.97 3.81 -0.23
CA ALA B 67 23.05 3.75 -1.69
C ALA B 67 22.27 2.51 -2.18
N ILE B 68 21.21 2.76 -2.96
CA ILE B 68 20.35 1.69 -3.48
C ILE B 68 20.47 1.58 -5.02
N ASP B 69 20.80 0.38 -5.50
CA ASP B 69 20.92 0.11 -6.94
C ASP B 69 19.52 0.21 -7.56
N VAL B 70 19.38 0.94 -8.67
CA VAL B 70 18.07 1.11 -9.29
C VAL B 70 17.55 -0.09 -10.10
N THR B 71 18.39 -1.09 -10.34
CA THR B 71 17.94 -2.25 -11.11
C THR B 71 17.47 -3.40 -10.21
N SER B 72 17.85 -3.38 -8.94
CA SER B 72 17.46 -4.45 -8.02
C SER B 72 17.05 -3.97 -6.63
N VAL B 73 17.17 -2.65 -6.40
CA VAL B 73 16.86 -2.04 -5.11
C VAL B 73 17.80 -2.62 -4.05
N TYR B 74 18.96 -3.08 -4.51
CA TYR B 74 19.96 -3.68 -3.65
C TYR B 74 20.78 -2.61 -2.89
N VAL B 75 20.92 -2.78 -1.59
CA VAL B 75 21.72 -1.85 -0.79
C VAL B 75 23.18 -2.25 -1.04
N VAL B 76 23.99 -1.34 -1.61
CA VAL B 76 25.40 -1.66 -1.88
C VAL B 76 26.38 -1.08 -0.85
N GLY B 77 25.97 -0.02 -0.16
CA GLY B 77 26.82 0.60 0.84
C GLY B 77 26.14 1.83 1.41
N TYR B 78 26.83 2.53 2.30
CA TYR B 78 26.26 3.72 2.92
C TYR B 78 27.33 4.67 3.44
N GLN B 79 26.92 5.91 3.72
CA GLN B 79 27.82 6.91 4.25
C GLN B 79 27.31 7.40 5.60
N VAL B 80 28.24 7.57 6.54
CA VAL B 80 27.95 8.09 7.86
C VAL B 80 29.12 9.03 8.19
N ARG B 81 28.79 10.28 8.50
CA ARG B 81 29.83 11.28 8.79
C ARG B 81 30.73 11.44 7.56
N ASN B 82 32.05 11.36 7.76
CA ASN B 82 32.98 11.50 6.64
C ASN B 82 33.47 10.15 6.13
N ARG B 83 32.69 9.10 6.38
CA ARG B 83 33.08 7.75 5.96
C ARG B 83 32.01 7.03 5.18
N SER B 84 32.42 6.02 4.42
CA SER B 84 31.49 5.20 3.66
C SER B 84 31.96 3.74 3.73
N TYR B 85 30.99 2.82 3.70
CA TYR B 85 31.27 1.39 3.77
C TYR B 85 30.50 0.67 2.67
N PHE B 86 31.19 -0.24 1.98
CA PHE B 86 30.58 -0.99 0.89
C PHE B 86 30.63 -2.48 1.13
N PHE B 87 29.59 -3.17 0.70
CA PHE B 87 29.54 -4.62 0.85
C PHE B 87 30.65 -5.20 -0.01
N LYS B 88 31.18 -6.35 0.42
CA LYS B 88 32.25 -7.03 -0.28
C LYS B 88 31.93 -7.22 -1.76
N ASP B 89 30.67 -7.51 -2.05
CA ASP B 89 30.23 -7.77 -3.42
C ASP B 89 29.83 -6.53 -4.23
N ALA B 90 29.95 -5.33 -3.66
CA ALA B 90 29.58 -4.11 -4.38
C ALA B 90 30.45 -4.00 -5.66
N PRO B 91 29.83 -3.70 -6.82
CA PRO B 91 30.58 -3.57 -8.06
C PRO B 91 31.65 -2.48 -7.98
N ASP B 92 32.84 -2.77 -8.52
CA ASP B 92 33.94 -1.81 -8.47
C ASP B 92 33.59 -0.43 -8.97
N ALA B 93 32.71 -0.35 -9.96
CA ALA B 93 32.31 0.95 -10.48
C ALA B 93 31.53 1.73 -9.41
N ALA B 94 30.78 1.01 -8.59
CA ALA B 94 30.00 1.65 -7.52
C ALA B 94 30.90 2.08 -6.37
N TYR B 95 31.82 1.20 -5.99
CA TYR B 95 32.77 1.49 -4.92
C TYR B 95 33.53 2.77 -5.22
N GLU B 96 33.85 2.99 -6.49
CA GLU B 96 34.59 4.16 -6.92
C GLU B 96 33.76 5.41 -7.17
N GLY B 97 32.58 5.25 -7.75
CA GLY B 97 31.74 6.40 -8.08
C GLY B 97 30.83 6.99 -7.01
N LEU B 98 30.61 6.28 -5.90
CA LEU B 98 29.74 6.77 -4.85
C LEU B 98 30.51 7.32 -3.64
N PHE B 99 29.90 8.29 -2.95
CA PHE B 99 30.51 8.88 -1.76
C PHE B 99 32.01 9.15 -1.95
N LYS B 100 32.35 9.92 -2.98
CA LYS B 100 33.74 10.24 -3.30
C LYS B 100 34.55 10.94 -2.23
N ASN B 101 33.98 11.93 -1.56
CA ASN B 101 34.74 12.61 -0.51
C ASN B 101 34.46 12.02 0.86
N THR B 102 34.91 10.78 1.04
CA THR B 102 34.75 10.07 2.29
C THR B 102 35.90 9.08 2.38
N ILE B 103 36.19 8.60 3.60
CA ILE B 103 37.21 7.59 3.82
C ILE B 103 36.47 6.28 3.53
N LYS B 104 36.75 5.68 2.37
CA LYS B 104 36.08 4.44 1.96
C LYS B 104 36.62 3.14 2.54
N THR B 105 35.70 2.24 2.84
CA THR B 105 36.03 0.94 3.40
C THR B 105 35.19 -0.14 2.76
N ARG B 106 35.84 -1.16 2.21
CA ARG B 106 35.10 -2.28 1.65
C ARG B 106 35.00 -3.32 2.76
N LEU B 107 33.77 -3.62 3.19
CA LEU B 107 33.54 -4.59 4.24
C LEU B 107 33.99 -5.99 3.82
N HIS B 108 34.34 -6.82 4.80
CA HIS B 108 34.81 -8.17 4.51
C HIS B 108 33.67 -9.12 4.18
N PHE B 109 32.43 -8.68 4.43
CA PHE B 109 31.28 -9.51 4.14
C PHE B 109 30.39 -8.90 3.07
N GLY B 110 29.63 -9.77 2.39
CA GLY B 110 28.74 -9.31 1.35
C GLY B 110 27.39 -8.88 1.90
N GLY B 111 26.50 -8.46 1.01
CA GLY B 111 25.18 -8.01 1.42
C GLY B 111 24.06 -9.03 1.33
N SER B 112 24.36 -10.26 0.94
CA SER B 112 23.33 -11.29 0.85
C SER B 112 22.87 -11.64 2.26
N TYR B 113 21.72 -12.30 2.38
CA TYR B 113 21.26 -12.69 3.70
C TYR B 113 22.20 -13.71 4.33
N PRO B 114 22.63 -14.72 3.55
CA PRO B 114 23.56 -15.68 4.18
C PRO B 114 24.85 -15.01 4.63
N SER B 115 25.32 -14.02 3.88
CA SER B 115 26.54 -13.31 4.25
C SER B 115 26.29 -12.54 5.54
N LEU B 116 25.08 -12.03 5.71
CA LEU B 116 24.76 -11.28 6.92
C LEU B 116 24.64 -12.20 8.14
N GLU B 117 24.19 -13.43 7.92
CA GLU B 117 24.07 -14.39 9.03
C GLU B 117 25.49 -14.76 9.47
N GLY B 118 26.45 -14.63 8.55
CA GLY B 118 27.83 -14.93 8.86
C GLY B 118 28.31 -13.93 9.90
N GLU B 119 27.59 -12.82 10.01
CA GLU B 119 27.93 -11.79 10.99
C GLU B 119 26.88 -11.78 12.10
N LYS B 120 26.23 -12.93 12.27
CA LYS B 120 25.21 -13.13 13.31
C LYS B 120 23.91 -12.36 13.20
N ALA B 121 23.61 -11.86 12.00
CA ALA B 121 22.38 -11.13 11.76
C ALA B 121 21.40 -12.05 11.03
N TYR B 122 20.39 -12.52 11.75
CA TYR B 122 19.39 -13.43 11.19
C TYR B 122 18.04 -12.75 11.13
N ARG B 123 17.33 -12.97 10.03
CA ARG B 123 16.00 -12.39 9.84
C ARG B 123 15.04 -12.86 10.93
N GLU B 124 15.10 -14.15 11.26
CA GLU B 124 14.23 -14.74 12.28
C GLU B 124 14.33 -14.04 13.63
N THR B 125 15.53 -13.59 13.99
CA THR B 125 15.76 -12.96 15.28
C THR B 125 16.01 -11.45 15.31
N THR B 126 15.67 -10.76 14.22
CA THR B 126 15.90 -9.31 14.18
C THR B 126 14.59 -8.53 14.12
N ASP B 127 14.36 -7.74 15.16
CA ASP B 127 13.15 -6.92 15.25
C ASP B 127 13.10 -5.85 14.17
N LEU B 128 11.89 -5.53 13.71
CA LEU B 128 11.69 -4.48 12.72
C LEU B 128 10.63 -3.56 13.32
N GLY B 129 10.66 -2.30 12.94
CA GLY B 129 9.71 -1.34 13.47
C GLY B 129 10.43 0.00 13.56
N ILE B 130 9.71 1.05 13.92
CA ILE B 130 10.33 2.37 14.00
C ILE B 130 11.45 2.48 15.03
N GLU B 131 11.29 1.83 16.18
CA GLU B 131 12.31 1.88 17.22
C GLU B 131 13.57 1.13 16.75
N PRO B 132 13.41 -0.09 16.18
CA PRO B 132 14.63 -0.78 15.73
C PRO B 132 15.32 -0.03 14.58
N LEU B 133 14.58 0.80 13.85
CA LEU B 133 15.17 1.58 12.77
C LEU B 133 15.99 2.72 13.39
N ARG B 134 15.45 3.32 14.45
CA ARG B 134 16.13 4.41 15.15
C ARG B 134 17.46 3.90 15.70
N ILE B 135 17.41 2.71 16.30
CA ILE B 135 18.60 2.09 16.88
C ILE B 135 19.59 1.69 15.80
N GLY B 136 19.08 1.18 14.68
CA GLY B 136 19.95 0.79 13.58
C GLY B 136 20.70 1.99 13.01
N ILE B 137 20.00 3.12 12.89
CA ILE B 137 20.63 4.34 12.38
C ILE B 137 21.68 4.80 13.41
N LYS B 138 21.31 4.71 14.68
CA LYS B 138 22.21 5.09 15.77
C LYS B 138 23.50 4.27 15.74
N LYS B 139 23.39 2.96 15.58
CA LYS B 139 24.55 2.10 15.55
C LYS B 139 25.44 2.27 14.31
N LEU B 140 24.83 2.57 13.17
CA LEU B 140 25.63 2.77 11.97
C LEU B 140 26.45 4.03 12.16
N ASP B 141 25.85 5.02 12.82
CA ASP B 141 26.54 6.28 13.05
C ASP B 141 27.65 6.12 14.09
N GLU B 142 27.38 5.36 15.14
CA GLU B 142 28.37 5.14 16.18
C GLU B 142 29.55 4.33 15.65
N ASN B 143 29.31 3.53 14.61
CA ASN B 143 30.38 2.72 14.03
C ASN B 143 31.06 3.36 12.81
N ALA B 144 30.92 4.68 12.70
CA ALA B 144 31.55 5.41 11.62
C ALA B 144 32.93 5.69 12.20
N ILE B 145 33.67 4.62 12.41
CA ILE B 145 35.00 4.69 13.00
C ILE B 145 35.91 3.64 12.35
N ASP B 146 37.19 3.67 12.71
CA ASP B 146 38.14 2.72 12.17
C ASP B 146 37.90 1.33 12.76
N ASN B 147 37.71 1.26 14.07
CA ASN B 147 37.48 -0.02 14.71
C ASN B 147 35.99 -0.30 14.87
N TYR B 148 35.28 -0.33 13.74
CA TYR B 148 33.85 -0.59 13.73
C TYR B 148 33.54 -2.04 14.10
N LYS B 149 32.34 -2.26 14.65
CA LYS B 149 31.89 -3.60 15.02
C LYS B 149 31.07 -4.12 13.85
N PRO B 150 31.59 -5.10 13.10
CA PRO B 150 30.84 -5.63 11.97
C PRO B 150 29.50 -6.27 12.32
N THR B 151 29.37 -6.82 13.52
CA THR B 151 28.10 -7.44 13.90
C THR B 151 27.01 -6.39 14.12
N GLU B 152 27.41 -5.20 14.57
CA GLU B 152 26.45 -4.13 14.81
C GLU B 152 26.04 -3.50 13.48
N ILE B 153 26.98 -3.48 12.53
CA ILE B 153 26.71 -2.92 11.21
C ILE B 153 25.78 -3.88 10.47
N ALA B 154 26.15 -5.16 10.47
CA ALA B 154 25.36 -6.20 9.82
C ALA B 154 23.92 -6.21 10.33
N SER B 155 23.78 -6.15 11.64
CA SER B 155 22.48 -6.15 12.30
C SER B 155 21.67 -4.91 11.89
N SER B 156 22.30 -3.74 11.93
CA SER B 156 21.64 -2.49 11.55
C SER B 156 21.22 -2.49 10.07
N LEU B 157 22.11 -2.96 9.20
CA LEU B 157 21.79 -2.99 7.78
C LEU B 157 20.67 -3.98 7.48
N LEU B 158 20.59 -5.07 8.26
CA LEU B 158 19.53 -6.05 8.03
C LEU B 158 18.17 -5.37 8.26
N VAL B 159 18.11 -4.47 9.23
CA VAL B 159 16.88 -3.74 9.53
C VAL B 159 16.57 -2.81 8.35
N VAL B 160 17.58 -2.06 7.91
CA VAL B 160 17.44 -1.12 6.80
C VAL B 160 17.01 -1.85 5.52
N ILE B 161 17.71 -2.92 5.19
CA ILE B 161 17.42 -3.72 4.01
C ILE B 161 15.96 -4.16 3.93
N GLN B 162 15.41 -4.62 5.05
CA GLN B 162 14.03 -5.07 5.03
C GLN B 162 12.99 -3.95 5.10
N MET B 163 13.24 -2.93 5.90
CA MET B 163 12.29 -1.83 6.04
C MET B 163 12.34 -0.85 4.86
N VAL B 164 13.41 -0.91 4.08
CA VAL B 164 13.54 -0.04 2.92
C VAL B 164 13.42 -0.82 1.61
N SER B 165 14.40 -1.67 1.33
CA SER B 165 14.42 -2.47 0.10
C SER B 165 13.29 -3.50 -0.06
N GLU B 166 13.14 -4.41 0.91
CA GLU B 166 12.09 -5.42 0.80
C GLU B 166 10.71 -4.76 0.84
N ALA B 167 10.56 -3.74 1.69
CA ALA B 167 9.29 -3.02 1.79
C ALA B 167 8.99 -2.32 0.44
N ALA B 168 10.02 -1.75 -0.17
CA ALA B 168 9.86 -1.07 -1.47
C ALA B 168 9.42 -2.06 -2.55
N ARG B 169 9.94 -3.28 -2.48
CA ARG B 169 9.62 -4.34 -3.44
C ARG B 169 8.25 -4.96 -3.27
N PHE B 170 7.83 -5.19 -2.03
CA PHE B 170 6.57 -5.85 -1.72
C PHE B 170 5.61 -5.02 -0.89
N THR B 171 4.41 -4.79 -1.42
CA THR B 171 3.38 -4.05 -0.71
C THR B 171 3.03 -4.86 0.53
N PHE B 172 3.16 -6.19 0.42
CA PHE B 172 2.85 -7.08 1.53
C PHE B 172 3.76 -6.82 2.73
N ILE B 173 5.05 -6.69 2.47
CA ILE B 173 6.02 -6.43 3.54
C ILE B 173 5.86 -5.00 4.07
N GLU B 174 5.59 -4.06 3.17
CA GLU B 174 5.36 -2.66 3.54
C GLU B 174 4.21 -2.58 4.55
N ASN B 175 3.14 -3.32 4.30
CA ASN B 175 1.99 -3.28 5.19
C ASN B 175 2.14 -4.02 6.51
N GLN B 176 3.05 -4.99 6.57
CA GLN B 176 3.25 -5.69 7.83
C GLN B 176 3.95 -4.75 8.79
N ILE B 177 4.68 -3.79 8.23
CA ILE B 177 5.39 -2.81 9.02
C ILE B 177 4.44 -1.64 9.31
N ARG B 178 3.67 -1.24 8.30
CA ARG B 178 2.71 -0.14 8.45
C ARG B 178 1.78 -0.37 9.64
N ASN B 179 1.19 -1.56 9.72
CA ASN B 179 0.26 -1.86 10.82
C ASN B 179 0.90 -2.43 12.08
N ASN B 180 2.22 -2.32 12.17
CA ASN B 180 2.98 -2.77 13.35
C ASN B 180 4.07 -1.72 13.58
N PHE B 181 3.86 -0.55 13.01
CA PHE B 181 4.84 0.54 13.08
C PHE B 181 5.44 0.88 14.45
N GLN B 182 4.58 1.07 15.46
CA GLN B 182 5.04 1.42 16.79
C GLN B 182 5.39 0.21 17.65
N GLN B 183 5.50 -0.96 17.03
CA GLN B 183 5.82 -2.18 17.76
C GLN B 183 7.13 -2.78 17.24
N ARG B 184 7.51 -3.90 17.84
CA ARG B 184 8.73 -4.62 17.47
C ARG B 184 8.30 -6.01 16.98
N ILE B 185 8.43 -6.24 15.68
CA ILE B 185 8.03 -7.51 15.11
C ILE B 185 9.16 -8.17 14.34
N ARG B 186 9.10 -9.49 14.24
CA ARG B 186 10.11 -10.25 13.50
C ARG B 186 9.39 -10.89 12.33
N PRO B 187 10.03 -10.91 11.16
CA PRO B 187 9.41 -11.51 9.97
C PRO B 187 9.02 -12.99 10.12
N ALA B 188 7.81 -13.31 9.68
CA ALA B 188 7.29 -14.68 9.74
C ALA B 188 7.69 -15.44 8.48
N ASN B 189 7.26 -16.69 8.38
CA ASN B 189 7.60 -17.50 7.22
C ASN B 189 7.10 -16.91 5.90
N ASN B 190 5.97 -16.20 5.94
CA ASN B 190 5.43 -15.61 4.72
C ASN B 190 6.33 -14.48 4.20
N THR B 191 6.73 -13.57 5.09
CA THR B 191 7.60 -12.47 4.72
C THR B 191 8.92 -13.00 4.19
N ILE B 192 9.51 -13.92 4.93
CA ILE B 192 10.79 -14.49 4.55
C ILE B 192 10.76 -15.20 3.20
N SER B 193 9.71 -15.97 2.92
CA SER B 193 9.63 -16.67 1.63
C SER B 193 9.47 -15.70 0.46
N LEU B 194 8.73 -14.62 0.69
CA LEU B 194 8.55 -13.60 -0.33
C LEU B 194 9.89 -12.99 -0.69
N GLU B 195 10.65 -12.62 0.34
CA GLU B 195 11.97 -12.02 0.13
C GLU B 195 12.86 -12.94 -0.68
N ASN B 196 12.81 -14.24 -0.37
CA ASN B 196 13.61 -15.23 -1.07
C ASN B 196 13.21 -15.45 -2.53
N LYS B 197 11.93 -15.38 -2.84
CA LYS B 197 11.45 -15.65 -4.20
C LYS B 197 11.19 -14.45 -5.12
N TRP B 198 11.66 -13.26 -4.75
CA TRP B 198 11.41 -12.08 -5.59
C TRP B 198 11.95 -12.27 -7.01
N GLY B 199 13.16 -12.78 -7.14
CA GLY B 199 13.75 -13.00 -8.45
C GLY B 199 12.98 -14.01 -9.27
N LYS B 200 12.63 -15.14 -8.65
CA LYS B 200 11.87 -16.18 -9.35
C LYS B 200 10.49 -15.68 -9.77
N LEU B 201 9.80 -14.98 -8.87
CA LEU B 201 8.47 -14.45 -9.17
C LEU B 201 8.56 -13.44 -10.31
N SER B 202 9.56 -12.56 -10.24
CA SER B 202 9.75 -11.54 -11.26
C SER B 202 9.98 -12.17 -12.64
N PHE B 203 10.72 -13.27 -12.67
CA PHE B 203 10.99 -13.95 -13.93
C PHE B 203 9.74 -14.61 -14.51
N GLN B 204 9.02 -15.36 -13.68
CA GLN B 204 7.82 -16.04 -14.13
C GLN B 204 6.74 -15.05 -14.54
N ILE B 205 6.64 -13.93 -13.82
CA ILE B 205 5.63 -12.93 -14.15
C ILE B 205 5.97 -12.24 -15.47
N ARG B 206 7.18 -11.72 -15.58
CA ARG B 206 7.59 -11.01 -16.79
C ARG B 206 7.49 -11.85 -18.06
N THR B 207 7.91 -13.10 -18.00
CA THR B 207 7.89 -13.95 -19.18
C THR B 207 6.55 -14.60 -19.53
N SER B 208 5.59 -14.56 -18.61
CA SER B 208 4.28 -15.17 -18.85
C SER B 208 3.46 -14.38 -19.89
N GLY B 209 2.55 -15.08 -20.56
CA GLY B 209 1.72 -14.43 -21.56
C GLY B 209 0.61 -13.65 -20.91
N ALA B 210 -0.36 -13.21 -21.71
CA ALA B 210 -1.48 -12.42 -21.19
C ALA B 210 -2.29 -13.13 -20.10
N ASN B 211 -2.40 -14.44 -20.20
CA ASN B 211 -3.16 -15.20 -19.21
C ASN B 211 -2.44 -15.25 -17.85
N GLY B 212 -1.23 -14.68 -17.80
CA GLY B 212 -0.48 -14.64 -16.57
C GLY B 212 -0.05 -15.99 -15.99
N MET B 213 -0.16 -17.06 -16.78
CA MET B 213 0.22 -18.38 -16.31
C MET B 213 1.75 -18.58 -16.28
N PHE B 214 2.26 -19.04 -15.14
CA PHE B 214 3.69 -19.28 -14.95
C PHE B 214 4.12 -20.54 -15.69
N SER B 215 5.28 -20.49 -16.34
CA SER B 215 5.78 -21.68 -17.03
C SER B 215 6.12 -22.69 -15.94
N GLU B 216 6.52 -22.17 -14.76
CA GLU B 216 6.85 -23.00 -13.60
C GLU B 216 6.37 -22.33 -12.31
N ALA B 217 5.75 -23.13 -11.45
CA ALA B 217 5.22 -22.64 -10.18
C ALA B 217 6.33 -22.20 -9.23
N VAL B 218 6.00 -21.21 -8.40
CA VAL B 218 6.93 -20.70 -7.41
C VAL B 218 6.35 -21.04 -6.04
N GLU B 219 7.16 -21.66 -5.19
CA GLU B 219 6.69 -22.05 -3.87
C GLU B 219 6.89 -20.98 -2.80
N LEU B 220 5.81 -20.66 -2.09
CA LEU B 220 5.83 -19.69 -1.02
C LEU B 220 5.33 -20.37 0.25
N GLU B 221 5.32 -19.64 1.36
CA GLU B 221 4.87 -20.20 2.63
C GLU B 221 3.99 -19.25 3.41
N ARG B 222 3.02 -19.81 4.14
CA ARG B 222 2.14 -19.03 4.97
C ARG B 222 2.92 -18.73 6.24
N ALA B 223 2.37 -17.89 7.11
CA ALA B 223 3.06 -17.55 8.34
C ALA B 223 3.55 -18.78 9.11
N ASN B 224 2.67 -19.76 9.25
CA ASN B 224 2.98 -20.99 9.99
C ASN B 224 3.95 -21.92 9.28
N GLY B 225 4.40 -21.52 8.09
CA GLY B 225 5.35 -22.35 7.37
C GLY B 225 4.75 -23.29 6.35
N LYS B 226 3.42 -23.35 6.29
CA LYS B 226 2.79 -24.23 5.32
C LYS B 226 3.09 -23.76 3.90
N LYS B 227 3.58 -24.68 3.07
CA LYS B 227 3.94 -24.37 1.71
C LYS B 227 2.76 -24.38 0.76
N TYR B 228 2.79 -23.48 -0.21
CA TYR B 228 1.78 -23.38 -1.24
C TYR B 228 2.48 -22.90 -2.49
N TYR B 229 1.85 -23.12 -3.65
CA TYR B 229 2.47 -22.71 -4.90
C TYR B 229 1.74 -21.61 -5.63
N VAL B 230 2.51 -20.74 -6.25
CA VAL B 230 1.97 -19.63 -7.03
C VAL B 230 2.13 -20.07 -8.48
N THR B 231 1.04 -20.15 -9.21
CA THR B 231 1.11 -20.58 -10.61
C THR B 231 0.63 -19.52 -11.58
N ALA B 232 0.05 -18.44 -11.07
CA ALA B 232 -0.45 -17.35 -11.92
C ALA B 232 -0.13 -15.98 -11.32
N VAL B 233 0.04 -14.99 -12.19
CA VAL B 233 0.33 -13.61 -11.79
C VAL B 233 -0.67 -13.01 -10.80
N ASP B 234 -1.96 -13.21 -11.07
CA ASP B 234 -3.01 -12.66 -10.21
C ASP B 234 -2.97 -13.15 -8.77
N GLN B 235 -2.39 -14.33 -8.55
CA GLN B 235 -2.30 -14.88 -7.20
C GLN B 235 -1.31 -14.09 -6.33
N VAL B 236 -0.35 -13.45 -6.96
CA VAL B 236 0.67 -12.73 -6.22
C VAL B 236 0.71 -11.23 -6.48
N LYS B 237 0.03 -10.79 -7.54
CA LYS B 237 0.05 -9.38 -7.91
C LYS B 237 -0.24 -8.37 -6.79
N PRO B 238 -1.21 -8.62 -5.92
CA PRO B 238 -1.46 -7.63 -4.87
C PRO B 238 -0.37 -7.47 -3.79
N LYS B 239 0.62 -8.35 -3.77
CA LYS B 239 1.70 -8.29 -2.78
C LYS B 239 2.98 -7.68 -3.33
N ILE B 240 3.01 -7.44 -4.64
CA ILE B 240 4.19 -6.92 -5.30
C ILE B 240 4.08 -5.47 -5.79
N ALA B 241 5.08 -4.65 -5.43
CA ALA B 241 5.11 -3.25 -5.83
C ALA B 241 6.05 -3.00 -7.03
N LEU B 242 7.12 -3.80 -7.11
CA LEU B 242 8.14 -3.69 -8.16
C LEU B 242 8.63 -5.05 -8.66
N LEU B 243 8.86 -5.16 -9.96
CA LEU B 243 9.37 -6.40 -10.53
C LEU B 243 10.80 -6.21 -10.99
N LYS B 244 11.62 -7.20 -10.74
CA LYS B 244 13.01 -7.18 -11.16
C LYS B 244 13.01 -7.64 -12.63
N PHE B 245 13.96 -7.15 -13.42
CA PHE B 245 14.01 -7.58 -14.81
C PHE B 245 15.05 -8.71 -14.84
N VAL B 246 14.57 -9.94 -14.86
CA VAL B 246 15.44 -11.12 -14.89
C VAL B 246 15.42 -11.77 -16.28
N ASP B 247 16.60 -12.01 -16.85
CA ASP B 247 16.71 -12.60 -18.18
C ASP B 247 16.48 -14.10 -18.27
N LYS B 248 17.28 -14.87 -17.53
CA LYS B 248 17.16 -16.32 -17.56
C LYS B 248 16.56 -16.84 -16.26
N ASP B 249 15.97 -18.03 -16.31
CA ASP B 249 15.36 -18.61 -15.12
C ASP B 249 16.35 -18.62 -13.98
N PRO B 250 16.04 -17.90 -12.88
CA PRO B 250 16.92 -17.83 -11.72
C PRO B 250 16.87 -19.07 -10.82
N LYS B 251 17.99 -19.36 -10.18
CA LYS B 251 18.10 -20.50 -9.27
C LYS B 251 19.51 -20.59 -8.68
N9 ADE C . -20.32 -0.17 0.55
C8 ADE C . -21.57 -0.35 -0.01
N7 ADE C . -22.19 0.77 -0.29
C5 ADE C . -21.30 1.76 0.10
C6 ADE C . -21.36 3.17 0.06
N6 ADE C . -22.41 3.86 -0.39
N1 ADE C . -20.30 3.86 0.53
C2 ADE C . -19.24 3.17 1.01
N3 ADE C . -19.06 1.85 1.10
C4 ADE C . -20.14 1.20 0.61
C1 NAG D . -16.07 -16.75 -8.17
C2 NAG D . -16.21 -15.71 -9.29
C3 NAG D . -16.97 -16.29 -10.50
C4 NAG D . -16.36 -17.63 -10.94
C5 NAG D . -16.25 -18.57 -9.75
C6 NAG D . -15.55 -19.87 -10.12
C7 NAG D . -16.54 -13.33 -9.16
C8 NAG D . -17.63 -12.32 -9.47
N2 NAG D . -16.92 -14.54 -8.79
O3 NAG D . -16.92 -15.37 -11.59
O4 NAG D . -17.16 -18.22 -11.96
O5 NAG D . -15.47 -17.96 -8.69
O6 NAG D . -15.29 -20.68 -8.98
O7 NAG D . -15.36 -13.01 -9.26
N9 ADE E . 18.29 -8.87 0.25
C8 ADE E . 19.39 -9.44 0.86
N7 ADE E . 20.42 -8.65 0.94
C5 ADE E . 19.98 -7.47 0.35
C6 ADE E . 20.62 -6.22 0.13
N6 ADE E . 21.88 -5.96 0.49
N1 ADE E . 19.89 -5.25 -0.48
C2 ADE E . 18.62 -5.52 -0.83
N3 ADE E . 17.93 -6.64 -0.68
C4 ADE E . 18.67 -7.59 -0.07
C1 NAG F . 7.66 -20.99 10.53
C2 NAG F . 8.09 -20.19 11.79
C3 NAG F . 8.48 -21.12 12.94
C4 NAG F . 7.40 -22.18 13.19
C5 NAG F . 7.10 -22.92 11.87
C6 NAG F . 6.00 -23.97 11.99
C7 NAG F . 9.06 -18.02 11.34
C8 NAG F . 10.33 -17.19 11.24
N2 NAG F . 9.22 -19.35 11.45
O3 NAG F . 8.69 -20.37 14.12
O4 NAG F . 7.83 -23.10 14.18
O5 NAG F . 6.66 -21.97 10.86
O6 NAG F . 5.83 -24.40 13.33
O7 NAG F . 7.96 -17.48 11.32
#